data_8OG9
#
_entry.id   8OG9
#
_cell.length_a   82.981
_cell.length_b   82.981
_cell.length_c   237.602
_cell.angle_alpha   90.000
_cell.angle_beta   90.000
_cell.angle_gamma   120.000
#
_symmetry.space_group_name_H-M   'P 61 2 2'
#
loop_
_entity.id
_entity.type
_entity.pdbx_description
1 polymer 'DDB1- and CUL4-associated factor 1'
2 non-polymer 5-[1-(4-chlorophenyl)cyclopropyl]imidazo[2,1-a]isoquinoline
3 water water
#
_entity_poly.entity_id   1
_entity_poly.type   'polypeptide(L)'
_entity_poly.pdbx_seq_one_letter_code
;GGGREPKQRRQAPINFTSRLNRRASFPKYGGVDGGCFDRHLIFSRFRPISVFREANEDESGFTCCAFSARERFLMLGTCT
GQLKLYNVFSGQEEASYNCHNSAITHLEPSRDGSLLLTSATWSQPLSALWGMKSVFDMKHSFTEDHYVEFSKHSQDRVIG
TKGDIAHIYDIQTGNKLLTLFNPDLANNYKRNCATFNPTDDLVLNDGVLWDVRSALAIHKFDKFNMNISGVFHPNGLEVI
INTEIWDLRTFHLLHTVPALDQCRVVFNHTGTVMYGAMLQADDEDDLMEERMKSPFGSSFRTFNATDYKPIATIDVKRNI
FDLCTDTKDCYLAVIENQGSMDALNMDTVCRLYEVGRQRLAEDEDEE
;
_entity_poly.pdbx_strand_id   A
#
loop_
_chem_comp.id
_chem_comp.type
_chem_comp.name
_chem_comp.formula
VM3 non-polymer 5-[1-(4-chlorophenyl)cyclopropyl]imidazo[2,1-a]isoquinoline 'C20 H15 Cl N2'
#
# COMPACT_ATOMS: atom_id res chain seq x y z
N PHE A 46 10.49 -8.74 -17.90
CA PHE A 46 10.06 -7.33 -17.73
C PHE A 46 10.19 -6.58 -19.06
N ARG A 47 9.19 -6.76 -19.91
CA ARG A 47 9.05 -6.01 -21.17
C ARG A 47 8.29 -4.72 -20.84
N PRO A 48 8.88 -3.52 -21.08
CA PRO A 48 8.13 -2.27 -20.98
C PRO A 48 7.03 -2.23 -22.06
N ILE A 49 5.84 -1.74 -21.69
CA ILE A 49 4.59 -1.71 -22.53
C ILE A 49 4.13 -0.26 -22.73
N SER A 50 4.29 0.59 -21.71
CA SER A 50 3.74 1.96 -21.67
C SER A 50 4.57 2.82 -20.71
N VAL A 51 4.61 4.11 -21.01
CA VAL A 51 5.18 5.15 -20.09
C VAL A 51 4.42 6.46 -20.32
N PHE A 52 4.25 7.21 -19.24
CA PHE A 52 3.64 8.56 -19.27
C PHE A 52 3.99 9.34 -18.00
N ARG A 53 3.90 10.66 -18.12
CA ARG A 53 4.05 11.65 -17.03
C ARG A 53 2.73 12.39 -16.84
N GLU A 54 2.66 13.25 -15.83
CA GLU A 54 1.46 14.03 -15.46
C GLU A 54 1.23 15.11 -16.52
N ALA A 55 -0.03 15.25 -16.96
CA ALA A 55 -0.49 16.18 -18.01
C ALA A 55 -0.48 17.63 -17.51
N ASN A 56 0.10 18.52 -18.33
CA ASN A 56 0.21 20.00 -18.17
C ASN A 56 0.95 20.31 -16.86
N GLU A 57 2.08 19.66 -16.62
CA GLU A 57 2.92 19.92 -15.43
C GLU A 57 4.37 19.89 -15.87
N ASP A 58 5.00 21.06 -15.86
CA ASP A 58 6.45 21.24 -16.17
C ASP A 58 7.25 20.32 -15.23
N GLU A 59 6.66 19.92 -14.09
CA GLU A 59 7.23 18.93 -13.14
C GLU A 59 6.14 17.95 -12.71
N SER A 60 6.18 16.74 -13.27
CA SER A 60 5.28 15.60 -12.96
C SER A 60 5.44 15.21 -11.48
N GLY A 61 4.33 14.95 -10.78
CA GLY A 61 4.31 14.76 -9.32
C GLY A 61 3.47 13.58 -8.86
N PHE A 62 3.37 12.52 -9.67
CA PHE A 62 2.82 11.22 -9.22
C PHE A 62 3.60 10.74 -8.00
N THR A 63 2.92 10.33 -6.94
CA THR A 63 3.50 9.90 -5.64
C THR A 63 3.08 8.46 -5.30
N CYS A 64 1.99 7.94 -5.87
CA CYS A 64 1.50 6.56 -5.63
C CYS A 64 0.44 6.19 -6.66
N CYS A 65 0.24 4.90 -6.88
CA CYS A 65 -0.66 4.38 -7.95
C CYS A 65 -1.36 3.10 -7.49
N ALA A 66 -2.51 2.83 -8.10
CA ALA A 66 -3.33 1.62 -7.86
C ALA A 66 -4.28 1.44 -9.05
N PHE A 67 -4.39 0.22 -9.60
CA PHE A 67 -5.31 -0.05 -10.73
C PHE A 67 -6.75 0.19 -10.27
N SER A 68 -7.59 0.81 -11.10
CA SER A 68 -9.04 0.96 -10.85
C SER A 68 -9.74 -0.38 -11.12
N ALA A 69 -10.99 -0.52 -10.69
CA ALA A 69 -11.83 -1.69 -11.01
C ALA A 69 -12.06 -1.74 -12.52
N ARG A 70 -12.07 -0.59 -13.21
CA ARG A 70 -12.30 -0.56 -14.67
C ARG A 70 -10.97 -0.85 -15.37
N GLU A 71 -10.94 -1.98 -16.08
CA GLU A 71 -9.77 -2.47 -16.84
C GLU A 71 -9.32 -1.34 -17.78
N ARG A 72 -8.00 -1.12 -17.88
CA ARG A 72 -7.33 -0.19 -18.84
C ARG A 72 -7.14 1.18 -18.17
N PHE A 73 -7.46 1.31 -16.87
CA PHE A 73 -7.43 2.60 -16.14
C PHE A 73 -6.70 2.45 -14.79
N LEU A 74 -5.74 3.35 -14.57
CA LEU A 74 -4.89 3.42 -13.34
C LEU A 74 -5.22 4.70 -12.58
N MET A 75 -5.21 4.63 -11.25
CA MET A 75 -5.46 5.78 -10.35
C MET A 75 -4.14 6.20 -9.71
N LEU A 76 -3.85 7.50 -9.67
CA LEU A 76 -2.59 8.05 -9.11
C LEU A 76 -2.86 9.21 -8.14
N GLY A 77 -2.21 9.16 -6.98
CA GLY A 77 -2.04 10.33 -6.11
C GLY A 77 -0.95 11.23 -6.65
N THR A 78 -1.05 12.54 -6.43
CA THR A 78 0.01 13.54 -6.72
C THR A 78 0.44 14.23 -5.42
N CYS A 79 1.45 15.08 -5.53
CA CYS A 79 2.10 15.80 -4.39
C CYS A 79 1.27 17.05 -4.06
N THR A 80 0.38 17.46 -4.97
CA THR A 80 -0.62 18.52 -4.70
C THR A 80 -1.93 17.91 -4.18
N GLY A 81 -1.91 16.66 -3.74
CA GLY A 81 -3.03 16.02 -3.03
C GLY A 81 -4.22 15.76 -3.96
N GLN A 82 -3.98 15.62 -5.26
CA GLN A 82 -5.02 15.35 -6.27
C GLN A 82 -5.07 13.86 -6.57
N LEU A 83 -6.22 13.39 -7.02
CA LEU A 83 -6.34 12.01 -7.55
C LEU A 83 -6.77 12.06 -9.00
N LYS A 84 -6.12 11.23 -9.81
CA LYS A 84 -6.15 11.36 -11.27
C LYS A 84 -6.39 9.97 -11.86
N LEU A 85 -7.30 9.91 -12.81
CA LEU A 85 -7.62 8.66 -13.52
C LEU A 85 -6.94 8.73 -14.88
N TYR A 86 -6.02 7.80 -15.16
CA TYR A 86 -5.24 7.74 -16.43
C TYR A 86 -5.55 6.44 -17.15
N ASN A 87 -5.80 6.54 -18.46
CA ASN A 87 -5.69 5.40 -19.40
C ASN A 87 -4.21 5.02 -19.43
N VAL A 88 -3.92 3.81 -18.97
CA VAL A 88 -2.54 3.35 -18.66
C VAL A 88 -1.80 3.08 -19.98
N PHE A 89 -2.52 2.78 -21.06
CA PHE A 89 -1.93 2.45 -22.38
C PHE A 89 -1.65 3.74 -23.16
N SER A 90 -2.64 4.62 -23.31
CA SER A 90 -2.52 5.90 -24.08
C SER A 90 -1.82 6.99 -23.26
N GLY A 91 -1.82 6.90 -21.93
CA GLY A 91 -1.28 7.94 -21.04
C GLY A 91 -2.14 9.19 -21.03
N GLN A 92 -3.42 9.06 -21.36
CA GLN A 92 -4.45 10.14 -21.35
C GLN A 92 -5.00 10.29 -19.93
N GLU A 93 -5.10 11.52 -19.43
CA GLU A 93 -5.78 11.83 -18.15
C GLU A 93 -7.29 11.86 -18.40
N GLU A 94 -8.07 11.06 -17.67
CA GLU A 94 -9.54 10.96 -17.88
C GLU A 94 -10.29 11.86 -16.89
N ALA A 95 -9.89 11.86 -15.62
CA ALA A 95 -10.52 12.65 -14.56
C ALA A 95 -9.48 13.09 -13.52
N SER A 96 -9.85 14.04 -12.67
CA SER A 96 -8.99 14.64 -11.63
C SER A 96 -9.86 15.18 -10.49
N TYR A 97 -9.32 15.28 -9.28
CA TYR A 97 -10.08 15.82 -8.12
C TYR A 97 -9.12 16.12 -6.99
N ASN A 98 -9.27 17.28 -6.36
CA ASN A 98 -8.40 17.70 -5.24
C ASN A 98 -8.96 17.09 -3.94
N CYS A 99 -8.48 15.90 -3.59
CA CYS A 99 -8.83 15.22 -2.32
C CYS A 99 -8.13 15.88 -1.11
N HIS A 100 -6.92 16.43 -1.25
CA HIS A 100 -6.16 16.98 -0.10
C HIS A 100 -5.24 18.15 -0.49
N ASN A 101 -4.83 18.91 0.52
CA ASN A 101 -3.93 20.08 0.37
C ASN A 101 -2.55 19.70 0.95
N SER A 102 -2.15 18.47 0.71
CA SER A 102 -0.81 17.91 1.02
C SER A 102 -0.63 16.64 0.17
N ALA A 103 0.62 16.22 -0.02
CA ALA A 103 0.91 15.10 -0.93
C ALA A 103 0.11 13.87 -0.50
N ILE A 104 -0.43 13.13 -1.47
CA ILE A 104 -1.01 11.78 -1.25
C ILE A 104 0.15 10.83 -0.92
N THR A 105 0.00 10.01 0.11
CA THR A 105 0.99 8.97 0.50
C THR A 105 0.42 7.58 0.19
N HIS A 106 -0.89 7.44 0.12
CA HIS A 106 -1.57 6.13 -0.03
C HIS A 106 -2.87 6.31 -0.80
N LEU A 107 -3.30 5.29 -1.54
CA LEU A 107 -4.68 5.22 -2.09
C LEU A 107 -5.04 3.76 -2.30
N GLU A 108 -6.33 3.43 -2.25
CA GLU A 108 -6.83 2.03 -2.36
C GLU A 108 -8.24 2.05 -2.95
N PRO A 109 -8.40 1.73 -4.25
CA PRO A 109 -9.73 1.53 -4.83
C PRO A 109 -10.41 0.29 -4.23
N SER A 110 -11.72 0.34 -3.99
CA SER A 110 -12.53 -0.84 -3.61
C SER A 110 -12.72 -1.69 -4.86
N ARG A 111 -12.87 -3.01 -4.70
CA ARG A 111 -12.98 -3.97 -5.84
C ARG A 111 -14.20 -3.66 -6.72
N ASP A 112 -15.31 -3.16 -6.15
CA ASP A 112 -16.55 -2.87 -6.92
C ASP A 112 -16.50 -1.48 -7.58
N GLY A 113 -15.45 -0.70 -7.36
CA GLY A 113 -15.24 0.63 -7.99
C GLY A 113 -16.18 1.71 -7.46
N SER A 114 -16.94 1.42 -6.40
CA SER A 114 -17.90 2.35 -5.77
C SER A 114 -17.20 3.31 -4.80
N LEU A 115 -16.08 2.90 -4.19
CA LEU A 115 -15.39 3.63 -3.10
C LEU A 115 -13.88 3.71 -3.35
N LEU A 116 -13.21 4.56 -2.58
CA LEU A 116 -11.74 4.76 -2.64
C LEU A 116 -11.26 5.44 -1.35
N LEU A 117 -10.19 4.90 -0.77
CA LEU A 117 -9.46 5.48 0.40
C LEU A 117 -8.30 6.34 -0.11
N THR A 118 -8.00 7.44 0.58
CA THR A 118 -6.81 8.30 0.38
C THR A 118 -6.15 8.64 1.72
N SER A 119 -4.81 8.78 1.75
CA SER A 119 -4.03 9.31 2.90
C SER A 119 -3.03 10.37 2.41
N ALA A 120 -3.02 11.52 3.07
CA ALA A 120 -2.21 12.69 2.70
C ALA A 120 -0.99 12.73 3.62
N THR A 121 -0.41 13.91 3.88
CA THR A 121 0.89 14.08 4.56
C THR A 121 0.70 14.85 5.86
N TRP A 122 0.29 16.13 5.79
CA TRP A 122 0.09 17.02 6.96
C TRP A 122 -1.31 17.66 7.01
N SER A 123 -2.09 17.62 5.93
N SER A 123 -2.10 17.61 5.93
CA SER A 123 -3.46 18.18 5.87
CA SER A 123 -3.47 18.19 5.86
C SER A 123 -4.38 17.40 6.82
C SER A 123 -4.40 17.40 6.80
N GLN A 124 -5.11 18.09 7.69
CA GLN A 124 -6.15 17.45 8.56
C GLN A 124 -7.47 17.72 7.85
N PRO A 125 -8.30 16.70 7.50
CA PRO A 125 -8.06 15.30 7.87
C PRO A 125 -7.02 14.53 7.03
N LEU A 126 -6.27 13.63 7.68
CA LEU A 126 -5.11 12.93 7.10
C LEU A 126 -5.58 11.93 6.04
N SER A 127 -6.72 11.28 6.29
CA SER A 127 -7.26 10.17 5.46
C SER A 127 -8.77 10.37 5.32
N ALA A 128 -9.34 9.83 4.25
CA ALA A 128 -10.76 10.03 3.88
C ALA A 128 -11.26 8.84 3.07
N LEU A 129 -12.57 8.66 3.05
CA LEU A 129 -13.26 7.70 2.16
C LEU A 129 -14.12 8.48 1.19
N TRP A 130 -14.02 8.16 -0.12
CA TRP A 130 -14.72 8.84 -1.24
C TRP A 130 -15.68 7.84 -1.90
N GLY A 131 -16.70 8.34 -2.60
CA GLY A 131 -17.52 7.55 -3.54
C GLY A 131 -17.24 7.95 -4.98
N MET A 132 -17.31 6.99 -5.91
CA MET A 132 -17.08 7.20 -7.37
C MET A 132 -18.14 6.51 -8.23
N LYS A 133 -19.36 6.30 -7.72
CA LYS A 133 -20.56 5.99 -8.55
C LYS A 133 -21.03 7.28 -9.26
N SER A 134 -20.63 7.45 -10.54
CA SER A 134 -21.10 8.53 -11.45
C SER A 134 -20.48 9.87 -11.04
N VAL A 135 -20.64 10.24 -9.77
CA VAL A 135 -20.14 11.50 -9.17
C VAL A 135 -19.08 11.14 -8.14
N PHE A 136 -18.00 11.93 -8.07
CA PHE A 136 -16.96 11.83 -7.01
C PHE A 136 -17.36 12.67 -5.82
N ASP A 137 -17.28 12.16 -4.59
CA ASP A 137 -17.71 12.90 -3.38
C ASP A 137 -17.12 12.24 -2.12
N MET A 138 -17.10 12.96 -1.01
CA MET A 138 -16.58 12.44 0.29
C MET A 138 -17.70 11.68 1.01
N LYS A 139 -17.37 10.55 1.65
CA LYS A 139 -18.32 9.81 2.50
C LYS A 139 -17.94 10.08 3.96
N HIS A 140 -16.70 9.78 4.32
CA HIS A 140 -16.23 9.92 5.72
C HIS A 140 -14.82 10.48 5.69
N SER A 141 -14.26 10.74 6.87
CA SER A 141 -12.90 11.30 7.08
C SER A 141 -12.37 10.83 8.44
N PHE A 142 -11.25 10.12 8.43
CA PHE A 142 -10.57 9.57 9.64
C PHE A 142 -9.51 10.58 10.04
N THR A 143 -9.79 11.32 11.10
CA THR A 143 -9.23 12.67 11.35
C THR A 143 -7.72 12.57 11.64
N GLU A 144 -7.32 11.62 12.51
CA GLU A 144 -5.91 11.50 12.97
C GLU A 144 -5.23 10.24 12.41
N ASP A 145 -5.98 9.31 11.82
CA ASP A 145 -5.43 8.09 11.16
C ASP A 145 -4.68 8.49 9.90
N HIS A 146 -3.38 8.23 9.83
CA HIS A 146 -2.50 8.67 8.72
C HIS A 146 -2.37 7.58 7.66
N TYR A 147 -2.88 6.37 7.89
CA TYR A 147 -2.83 5.24 6.93
C TYR A 147 -4.11 4.42 7.06
N VAL A 148 -4.73 4.01 5.95
CA VAL A 148 -6.05 3.30 5.94
C VAL A 148 -6.08 2.21 4.85
N GLU A 149 -6.77 1.10 5.14
CA GLU A 149 -6.97 -0.08 4.26
C GLU A 149 -8.42 -0.56 4.36
N PHE A 150 -8.93 -1.16 3.30
CA PHE A 150 -10.23 -1.90 3.30
C PHE A 150 -10.04 -3.28 3.94
N SER A 151 -11.12 -3.84 4.48
CA SER A 151 -11.22 -5.29 4.77
C SER A 151 -11.13 -6.01 3.42
N LYS A 152 -10.79 -7.31 3.43
CA LYS A 152 -10.34 -8.06 2.23
C LYS A 152 -11.47 -8.95 1.68
N HIS A 153 -12.00 -9.90 2.47
CA HIS A 153 -13.10 -10.79 2.04
C HIS A 153 -14.35 -9.95 1.69
N SER A 154 -15.16 -9.60 2.69
CA SER A 154 -16.29 -8.64 2.59
C SER A 154 -15.77 -7.23 2.89
N GLN A 155 -15.77 -6.33 1.88
CA GLN A 155 -15.23 -4.93 1.99
C GLN A 155 -16.30 -3.99 2.58
N ASP A 156 -16.60 -4.16 3.87
CA ASP A 156 -17.64 -3.41 4.61
C ASP A 156 -16.98 -2.56 5.70
N ARG A 157 -15.68 -2.74 5.95
CA ARG A 157 -14.97 -2.05 7.05
C ARG A 157 -13.67 -1.46 6.55
N VAL A 158 -13.12 -0.54 7.34
CA VAL A 158 -11.88 0.23 7.08
C VAL A 158 -11.00 0.09 8.32
N ILE A 159 -9.75 -0.30 8.13
CA ILE A 159 -8.75 -0.40 9.22
C ILE A 159 -7.79 0.78 9.06
N GLY A 160 -7.74 1.66 10.06
CA GLY A 160 -6.87 2.84 10.10
C GLY A 160 -5.77 2.67 11.14
N THR A 161 -4.64 3.35 10.93
CA THR A 161 -3.43 3.31 11.79
C THR A 161 -3.10 4.72 12.26
N LYS A 162 -2.92 4.90 13.57
CA LYS A 162 -2.44 6.15 14.20
C LYS A 162 -1.26 5.81 15.10
N GLY A 163 -0.06 5.86 14.54
CA GLY A 163 1.18 5.38 15.17
C GLY A 163 1.11 3.88 15.44
N ASP A 164 0.95 3.53 16.72
CA ASP A 164 1.00 2.14 17.25
C ASP A 164 -0.42 1.60 17.41
N ILE A 165 -1.42 2.47 17.32
CA ILE A 165 -2.86 2.14 17.56
C ILE A 165 -3.51 1.85 16.20
N ALA A 166 -4.41 0.87 16.16
CA ALA A 166 -5.29 0.57 15.01
C ALA A 166 -6.74 0.88 15.40
N HIS A 167 -7.57 1.29 14.43
CA HIS A 167 -9.03 1.54 14.59
C HIS A 167 -9.77 0.83 13.47
N ILE A 168 -10.81 0.06 13.77
CA ILE A 168 -11.72 -0.48 12.73
C ILE A 168 -12.99 0.37 12.71
N TYR A 169 -13.47 0.69 11.50
CA TYR A 169 -14.63 1.57 11.23
C TYR A 169 -15.64 0.83 10.35
N ASP A 170 -16.93 1.03 10.58
CA ASP A 170 -18.00 0.62 9.64
C ASP A 170 -17.99 1.59 8.46
N ILE A 171 -18.15 1.08 7.23
CA ILE A 171 -18.22 1.94 6.01
C ILE A 171 -19.53 2.72 5.99
N GLN A 172 -20.69 2.06 6.13
CA GLN A 172 -22.03 2.71 6.09
C GLN A 172 -22.05 3.90 7.06
N THR A 173 -21.90 3.64 8.36
CA THR A 173 -22.15 4.60 9.46
C THR A 173 -20.92 5.46 9.72
N GLY A 174 -19.71 4.93 9.49
CA GLY A 174 -18.44 5.66 9.69
C GLY A 174 -17.92 5.51 11.12
N ASN A 175 -18.61 4.74 11.97
CA ASN A 175 -18.33 4.67 13.43
C ASN A 175 -17.11 3.81 13.74
N LYS A 176 -16.37 4.23 14.76
CA LYS A 176 -15.27 3.45 15.39
C LYS A 176 -15.91 2.22 16.06
N LEU A 177 -15.67 1.03 15.51
CA LEU A 177 -16.18 -0.27 16.03
C LEU A 177 -15.19 -0.84 17.05
N LEU A 178 -13.89 -0.81 16.76
CA LEU A 178 -12.83 -1.35 17.66
C LEU A 178 -11.67 -0.36 17.72
N THR A 179 -10.84 -0.51 18.77
CA THR A 179 -9.51 0.13 18.90
C THR A 179 -8.56 -0.98 19.38
N LEU A 180 -7.55 -1.32 18.59
CA LEU A 180 -6.59 -2.41 18.94
C LEU A 180 -5.25 -1.78 19.31
N PHE A 181 -4.88 -1.90 20.57
CA PHE A 181 -3.65 -1.29 21.14
C PHE A 181 -3.45 -1.91 22.51
N ASN A 182 -2.21 -2.24 22.84
CA ASN A 182 -1.80 -2.70 24.19
C ASN A 182 -0.39 -2.20 24.41
N PRO A 183 -0.19 -1.23 25.33
CA PRO A 183 1.10 -0.57 25.46
C PRO A 183 2.20 -1.54 25.88
N ASP A 184 1.86 -2.66 26.53
CA ASP A 184 2.83 -3.68 27.01
C ASP A 184 3.36 -4.50 25.83
N LEU A 185 2.56 -4.75 24.79
CA LEU A 185 2.92 -5.61 23.61
C LEU A 185 3.44 -4.79 22.42
N ALA A 186 3.56 -3.47 22.55
CA ALA A 186 3.94 -2.56 21.45
C ALA A 186 5.41 -2.76 21.05
N ASN A 187 5.69 -2.86 19.75
CA ASN A 187 7.07 -2.92 19.17
C ASN A 187 7.50 -1.53 18.70
N ASN A 188 6.54 -0.67 18.38
CA ASN A 188 6.73 0.76 18.03
C ASN A 188 7.46 0.88 16.70
N TYR A 189 7.16 -0.01 15.74
CA TYR A 189 7.69 0.05 14.35
C TYR A 189 7.43 1.45 13.78
N LYS A 190 8.47 2.13 13.29
CA LYS A 190 8.40 3.50 12.72
C LYS A 190 7.51 3.54 11.47
N ARG A 191 7.22 2.40 10.86
CA ARG A 191 6.47 2.33 9.57
C ARG A 191 5.36 1.28 9.72
N ASN A 192 4.68 1.32 10.86
CA ASN A 192 3.57 0.41 11.21
C ASN A 192 2.34 0.70 10.32
N CYS A 193 1.74 -0.35 9.80
CA CYS A 193 0.52 -0.35 8.96
C CYS A 193 -0.35 -1.54 9.37
N ALA A 194 -1.34 -1.30 10.24
CA ALA A 194 -2.38 -2.30 10.61
C ALA A 194 -3.07 -2.83 9.34
N THR A 195 -3.40 -4.12 9.34
CA THR A 195 -3.91 -4.81 8.12
C THR A 195 -4.74 -6.02 8.53
N PHE A 196 -5.80 -6.32 7.76
CA PHE A 196 -6.67 -7.51 7.90
C PHE A 196 -6.05 -8.71 7.17
N ASN A 197 -6.32 -9.92 7.63
CA ASN A 197 -5.97 -11.17 6.89
C ASN A 197 -7.03 -11.36 5.81
N PRO A 198 -6.85 -12.29 4.84
CA PRO A 198 -7.72 -12.34 3.65
C PRO A 198 -9.20 -12.64 3.97
N THR A 199 -9.50 -13.18 5.16
CA THR A 199 -10.86 -13.57 5.63
C THR A 199 -11.38 -12.59 6.71
N ASP A 200 -10.63 -11.53 7.04
CA ASP A 200 -11.09 -10.36 7.84
C ASP A 200 -11.37 -10.71 9.31
N ASP A 201 -10.94 -11.87 9.81
CA ASP A 201 -11.18 -12.30 11.21
C ASP A 201 -9.92 -12.13 12.06
N LEU A 202 -8.75 -11.93 11.44
CA LEU A 202 -7.46 -11.59 12.11
C LEU A 202 -6.89 -10.27 11.60
N VAL A 203 -6.20 -9.56 12.47
CA VAL A 203 -5.55 -8.25 12.17
C VAL A 203 -4.12 -8.28 12.72
N LEU A 204 -3.18 -7.81 11.92
CA LEU A 204 -1.78 -7.61 12.33
C LEU A 204 -1.64 -6.11 12.57
N ASN A 205 -1.07 -5.72 13.70
CA ASN A 205 -0.77 -4.31 14.04
C ASN A 205 0.43 -4.25 14.99
N ASP A 206 1.49 -3.54 14.58
CA ASP A 206 2.72 -3.25 15.35
C ASP A 206 3.35 -4.58 15.82
N GLY A 207 3.25 -5.62 14.99
CA GLY A 207 3.84 -6.94 15.26
C GLY A 207 3.01 -7.80 16.19
N VAL A 208 1.76 -7.40 16.47
CA VAL A 208 0.81 -8.20 17.30
C VAL A 208 -0.32 -8.71 16.41
N LEU A 209 -0.55 -10.01 16.44
CA LEU A 209 -1.71 -10.68 15.83
C LEU A 209 -2.90 -10.60 16.79
N TRP A 210 -4.00 -9.97 16.33
CA TRP A 210 -5.26 -9.73 17.08
C TRP A 210 -6.36 -10.62 16.50
N ASP A 211 -7.19 -11.24 17.36
CA ASP A 211 -8.50 -11.83 16.97
C ASP A 211 -9.56 -10.72 17.02
N VAL A 212 -10.22 -10.44 15.90
CA VAL A 212 -11.14 -9.27 15.75
C VAL A 212 -12.41 -9.58 16.55
N ARG A 213 -12.99 -10.76 16.32
CA ARG A 213 -14.25 -11.24 16.95
C ARG A 213 -14.19 -10.98 18.47
N SER A 214 -13.14 -11.44 19.15
CA SER A 214 -12.99 -11.39 20.63
C SER A 214 -12.18 -10.15 21.06
N ALA A 215 -11.59 -9.44 20.09
CA ALA A 215 -10.74 -8.23 20.28
C ALA A 215 -9.72 -8.49 21.40
N LEU A 216 -9.00 -9.61 21.30
CA LEU A 216 -7.88 -9.99 22.20
C LEU A 216 -6.64 -10.33 21.36
N ALA A 217 -5.47 -9.98 21.86
CA ALA A 217 -4.16 -10.17 21.19
C ALA A 217 -3.76 -11.64 21.37
N ILE A 218 -3.74 -12.42 20.30
CA ILE A 218 -3.53 -13.90 20.37
C ILE A 218 -2.01 -14.17 20.46
N HIS A 219 -1.16 -13.42 19.77
CA HIS A 219 0.32 -13.58 19.79
C HIS A 219 1.03 -12.25 19.50
N LYS A 220 2.22 -12.09 20.06
CA LYS A 220 3.13 -10.94 19.80
C LYS A 220 4.44 -11.50 19.24
N PHE A 221 4.87 -10.98 18.10
CA PHE A 221 6.09 -11.40 17.37
C PHE A 221 7.24 -10.49 17.81
N ASP A 222 8.36 -11.08 18.25
CA ASP A 222 9.57 -10.33 18.71
C ASP A 222 10.03 -9.37 17.62
N LYS A 223 10.61 -8.23 18.02
CA LYS A 223 11.01 -7.12 17.11
C LYS A 223 12.47 -7.32 16.68
N PHE A 224 12.69 -7.47 15.38
CA PHE A 224 14.03 -7.74 14.75
C PHE A 224 14.36 -6.68 13.71
N ASN A 225 13.67 -5.52 13.71
CA ASN A 225 14.05 -4.32 12.92
C ASN A 225 13.29 -3.10 13.47
N MET A 226 13.59 -1.92 12.94
CA MET A 226 13.06 -0.65 13.48
C MET A 226 11.75 -0.27 12.80
N ASN A 227 11.52 -0.69 11.55
CA ASN A 227 10.60 0.00 10.62
C ASN A 227 9.43 -0.88 10.17
N ILE A 228 9.69 -2.10 9.67
CA ILE A 228 8.65 -2.92 8.98
C ILE A 228 7.84 -3.72 10.02
N SER A 229 6.52 -3.72 9.85
CA SER A 229 5.54 -4.30 10.82
C SER A 229 4.91 -5.60 10.28
N GLY A 230 4.78 -5.73 8.96
CA GLY A 230 4.49 -7.03 8.33
C GLY A 230 3.13 -7.11 7.70
N VAL A 231 2.93 -8.14 6.88
CA VAL A 231 1.70 -8.40 6.09
C VAL A 231 1.30 -9.86 6.28
N PHE A 232 0.08 -10.19 5.87
CA PHE A 232 -0.42 -11.58 5.73
C PHE A 232 -0.08 -12.10 4.34
N HIS A 233 0.28 -13.37 4.22
CA HIS A 233 0.41 -14.02 2.89
C HIS A 233 -1.02 -14.22 2.40
N PRO A 234 -1.30 -13.93 1.12
CA PRO A 234 -2.62 -14.21 0.54
C PRO A 234 -3.17 -15.62 0.82
N ASN A 235 -2.33 -16.63 1.04
CA ASN A 235 -2.78 -18.01 1.37
C ASN A 235 -3.25 -18.07 2.82
N GLY A 236 -3.06 -16.98 3.58
CA GLY A 236 -3.57 -16.79 4.94
C GLY A 236 -3.07 -17.84 5.92
N LEU A 237 -1.90 -18.44 5.66
CA LEU A 237 -1.20 -19.44 6.52
C LEU A 237 0.12 -18.89 7.07
N GLU A 238 0.70 -17.90 6.39
CA GLU A 238 1.98 -17.26 6.74
C GLU A 238 1.77 -15.77 7.03
N VAL A 239 2.79 -15.18 7.63
CA VAL A 239 2.90 -13.74 8.02
C VAL A 239 4.34 -13.32 7.73
N ILE A 240 4.53 -12.35 6.84
CA ILE A 240 5.88 -11.86 6.45
C ILE A 240 6.16 -10.58 7.22
N ILE A 241 6.98 -10.66 8.28
CA ILE A 241 7.45 -9.48 9.06
C ILE A 241 8.94 -9.25 8.75
N ASN A 242 9.21 -8.43 7.74
CA ASN A 242 10.59 -8.10 7.31
C ASN A 242 11.24 -9.42 6.84
N THR A 243 12.48 -9.74 7.23
CA THR A 243 13.25 -10.91 6.73
C THR A 243 12.67 -12.25 7.24
N GLU A 244 11.71 -12.23 8.17
CA GLU A 244 11.23 -13.43 8.91
C GLU A 244 9.85 -13.86 8.39
N ILE A 245 9.69 -15.13 7.98
CA ILE A 245 8.37 -15.73 7.58
C ILE A 245 7.90 -16.63 8.73
N TRP A 246 6.74 -16.34 9.34
CA TRP A 246 6.20 -17.10 10.49
C TRP A 246 5.00 -17.92 10.06
N ASP A 247 4.86 -19.12 10.63
CA ASP A 247 3.69 -20.01 10.47
C ASP A 247 2.59 -19.55 11.43
N LEU A 248 1.35 -19.43 10.94
CA LEU A 248 0.19 -18.98 11.76
C LEU A 248 -0.29 -20.13 12.63
N ARG A 249 0.23 -21.35 12.41
CA ARG A 249 -0.26 -22.57 13.08
C ARG A 249 0.68 -22.99 14.22
N THR A 250 1.93 -22.53 14.22
CA THR A 250 2.98 -22.96 15.19
C THR A 250 3.69 -21.73 15.76
N PHE A 251 3.65 -20.61 15.05
CA PHE A 251 4.52 -19.42 15.28
C PHE A 251 5.99 -19.83 15.19
N HIS A 252 6.32 -20.87 14.40
CA HIS A 252 7.71 -21.24 14.08
C HIS A 252 8.20 -20.39 12.92
N LEU A 253 9.49 -20.03 12.92
CA LEU A 253 10.18 -19.42 11.76
C LEU A 253 10.28 -20.45 10.64
N LEU A 254 9.62 -20.20 9.50
CA LEU A 254 9.61 -21.08 8.31
C LEU A 254 10.77 -20.72 7.36
N HIS A 255 11.06 -19.43 7.20
CA HIS A 255 12.09 -18.91 6.25
C HIS A 255 12.82 -17.71 6.87
N THR A 256 14.11 -17.56 6.56
CA THR A 256 14.89 -16.29 6.67
C THR A 256 15.21 -15.78 5.26
N VAL A 257 14.73 -14.60 4.90
CA VAL A 257 14.93 -14.01 3.55
C VAL A 257 15.66 -12.68 3.71
N PRO A 258 17.01 -12.69 3.74
CA PRO A 258 17.78 -11.47 3.93
C PRO A 258 17.46 -10.36 2.91
N ALA A 259 17.19 -10.74 1.65
CA ALA A 259 16.92 -9.81 0.52
C ALA A 259 15.65 -8.96 0.77
N LEU A 260 14.76 -9.43 1.64
CA LEU A 260 13.48 -8.74 1.97
C LEU A 260 13.69 -7.61 2.98
N ASP A 261 14.86 -7.49 3.60
CA ASP A 261 15.12 -6.44 4.61
C ASP A 261 14.65 -5.08 4.07
N GLN A 262 13.76 -4.43 4.82
CA GLN A 262 13.27 -3.04 4.62
C GLN A 262 12.40 -2.92 3.37
N CYS A 263 11.86 -4.02 2.85
CA CYS A 263 10.98 -4.01 1.65
C CYS A 263 9.50 -3.83 2.04
N ARG A 264 8.80 -2.96 1.32
CA ARG A 264 7.32 -2.89 1.32
C ARG A 264 6.85 -3.92 0.29
N VAL A 265 6.23 -5.00 0.76
CA VAL A 265 5.93 -6.21 -0.05
C VAL A 265 4.52 -6.06 -0.66
N VAL A 266 4.39 -6.43 -1.93
CA VAL A 266 3.15 -6.36 -2.75
C VAL A 266 3.04 -7.67 -3.52
N PHE A 267 1.91 -8.37 -3.42
CA PHE A 267 1.69 -9.67 -4.08
C PHE A 267 0.98 -9.48 -5.42
N ASN A 268 1.05 -10.49 -6.28
CA ASN A 268 0.18 -10.57 -7.48
C ASN A 268 -1.16 -11.09 -6.96
N HIS A 269 -2.18 -11.09 -7.79
CA HIS A 269 -3.57 -11.32 -7.30
C HIS A 269 -3.80 -12.83 -7.09
N THR A 270 -2.96 -13.73 -7.63
CA THR A 270 -2.99 -15.19 -7.33
C THR A 270 -2.00 -15.55 -6.20
N GLY A 271 -1.18 -14.62 -5.74
CA GLY A 271 -0.24 -14.80 -4.62
C GLY A 271 0.80 -15.87 -4.90
N THR A 272 1.34 -15.91 -6.12
CA THR A 272 2.45 -16.83 -6.50
C THR A 272 3.74 -16.03 -6.72
N VAL A 273 3.64 -14.71 -6.81
CA VAL A 273 4.79 -13.77 -7.01
C VAL A 273 4.65 -12.59 -6.04
N MET A 274 5.80 -12.04 -5.67
CA MET A 274 5.99 -11.08 -4.54
C MET A 274 7.02 -10.03 -4.98
N TYR A 275 6.67 -8.75 -4.89
CA TYR A 275 7.50 -7.60 -5.36
C TYR A 275 7.84 -6.72 -4.15
N GLY A 276 9.14 -6.46 -3.92
CA GLY A 276 9.63 -5.62 -2.81
C GLY A 276 10.35 -4.36 -3.32
N ALA A 277 10.15 -3.23 -2.65
CA ALA A 277 10.96 -2.00 -2.81
C ALA A 277 11.62 -1.66 -1.46
N MET A 278 12.94 -1.78 -1.36
CA MET A 278 13.70 -1.43 -0.14
C MET A 278 13.51 0.07 0.17
N LEU A 279 13.33 0.43 1.44
CA LEU A 279 13.35 1.83 1.94
C LEU A 279 14.76 2.44 1.78
N GLN A 280 14.84 3.76 1.63
CA GLN A 280 16.10 4.54 1.80
C GLN A 280 16.56 4.49 3.26
N ALA A 281 17.81 4.83 3.54
CA ALA A 281 18.40 4.86 4.90
C ALA A 281 18.28 6.25 5.53
N MET A 292 10.58 16.41 -2.41
CA MET A 292 9.82 15.24 -1.90
C MET A 292 10.72 13.99 -1.98
N LYS A 293 11.48 13.72 -0.91
CA LYS A 293 12.31 12.50 -0.75
C LYS A 293 11.39 11.28 -0.93
N SER A 294 11.76 10.33 -1.79
CA SER A 294 11.06 9.03 -1.95
C SER A 294 11.34 8.14 -0.74
N PRO A 295 10.40 7.25 -0.36
CA PRO A 295 10.63 6.34 0.75
C PRO A 295 11.59 5.23 0.33
N PHE A 296 11.65 4.94 -0.98
CA PHE A 296 12.38 3.80 -1.58
C PHE A 296 13.61 4.23 -2.40
N GLY A 297 14.51 3.28 -2.62
CA GLY A 297 15.68 3.43 -3.50
C GLY A 297 15.33 3.00 -4.91
N SER A 298 16.33 2.75 -5.75
CA SER A 298 16.17 2.64 -7.21
C SER A 298 16.00 1.18 -7.66
N SER A 299 15.99 0.21 -6.74
CA SER A 299 15.84 -1.23 -7.10
C SER A 299 14.61 -1.81 -6.44
N PHE A 300 14.00 -2.77 -7.12
CA PHE A 300 12.92 -3.64 -6.59
C PHE A 300 13.33 -5.09 -6.86
N ARG A 301 12.86 -6.01 -6.02
CA ARG A 301 13.20 -7.46 -6.09
C ARG A 301 11.89 -8.23 -6.28
N THR A 302 11.93 -9.31 -7.05
CA THR A 302 10.80 -10.25 -7.22
C THR A 302 11.20 -11.56 -6.57
N PHE A 303 10.24 -12.25 -5.97
CA PHE A 303 10.42 -13.56 -5.28
C PHE A 303 9.29 -14.52 -5.66
N ASN A 304 9.62 -15.81 -5.82
CA ASN A 304 8.60 -16.88 -5.79
C ASN A 304 7.96 -16.82 -4.39
N ALA A 305 6.64 -16.65 -4.32
CA ALA A 305 5.91 -16.38 -3.07
C ALA A 305 5.47 -17.70 -2.38
N THR A 306 5.85 -18.85 -2.92
CA THR A 306 5.50 -20.17 -2.34
C THR A 306 6.74 -20.77 -1.66
N ASP A 307 7.93 -20.69 -2.25
CA ASP A 307 9.18 -21.28 -1.69
C ASP A 307 10.18 -20.18 -1.30
N TYR A 308 9.96 -18.94 -1.75
CA TYR A 308 10.66 -17.72 -1.30
C TYR A 308 12.05 -17.58 -1.94
N LYS A 309 12.31 -18.32 -3.01
CA LYS A 309 13.58 -18.15 -3.80
C LYS A 309 13.48 -16.86 -4.61
N PRO A 310 14.59 -16.06 -4.71
CA PRO A 310 14.63 -14.89 -5.58
C PRO A 310 14.45 -15.24 -7.06
N ILE A 311 13.84 -14.33 -7.82
CA ILE A 311 13.63 -14.47 -9.30
C ILE A 311 14.45 -13.41 -10.03
N ALA A 312 14.41 -12.16 -9.59
CA ALA A 312 15.04 -11.02 -10.29
C ALA A 312 15.31 -9.88 -9.32
N THR A 313 16.37 -9.11 -9.60
CA THR A 313 16.67 -7.80 -8.97
C THR A 313 16.85 -6.80 -10.10
N ILE A 314 15.77 -6.13 -10.47
CA ILE A 314 15.77 -4.97 -11.40
C ILE A 314 16.22 -3.74 -10.60
N ASP A 315 17.15 -2.98 -11.16
CA ASP A 315 17.54 -1.63 -10.66
C ASP A 315 17.22 -0.65 -11.78
N VAL A 316 16.15 0.13 -11.64
CA VAL A 316 15.70 1.08 -12.68
C VAL A 316 16.66 2.30 -12.70
N LYS A 317 17.56 2.40 -11.72
CA LYS A 317 18.56 3.51 -11.61
C LYS A 317 17.81 4.84 -11.43
N ARG A 318 16.62 4.79 -10.83
CA ARG A 318 15.75 5.95 -10.49
C ARG A 318 14.99 5.59 -9.21
N ASN A 319 14.93 6.49 -8.21
CA ASN A 319 14.20 6.23 -6.94
C ASN A 319 12.73 5.95 -7.25
N ILE A 320 12.19 4.94 -6.58
CA ILE A 320 10.83 4.38 -6.78
C ILE A 320 9.90 5.00 -5.74
N PHE A 321 8.68 5.35 -6.14
CA PHE A 321 7.70 6.02 -5.26
C PHE A 321 6.61 5.01 -4.88
N ASP A 322 6.25 4.12 -5.79
CA ASP A 322 5.20 3.09 -5.56
C ASP A 322 5.30 2.07 -6.70
N LEU A 323 4.48 1.03 -6.64
CA LEU A 323 4.60 -0.21 -7.45
C LEU A 323 3.38 -1.09 -7.12
N CYS A 324 2.62 -1.54 -8.11
CA CYS A 324 1.33 -2.27 -7.92
C CYS A 324 1.05 -3.22 -9.08
N THR A 325 0.06 -4.11 -8.93
CA THR A 325 -0.32 -5.19 -9.89
C THR A 325 -1.80 -5.09 -10.28
N ASP A 326 -2.12 -5.49 -11.51
CA ASP A 326 -3.51 -5.60 -12.01
C ASP A 326 -4.12 -6.88 -11.43
N THR A 327 -5.40 -7.12 -11.72
CA THR A 327 -6.21 -8.23 -11.14
C THR A 327 -5.90 -9.56 -11.81
N LYS A 328 -5.39 -9.52 -13.05
CA LYS A 328 -5.24 -10.71 -13.94
C LYS A 328 -3.77 -11.12 -14.06
N ASP A 329 -2.86 -10.46 -13.35
CA ASP A 329 -1.44 -10.89 -13.13
C ASP A 329 -0.64 -10.76 -14.43
N CYS A 330 -0.92 -9.74 -15.25
CA CYS A 330 -0.25 -9.47 -16.55
C CYS A 330 0.73 -8.30 -16.45
N TYR A 331 0.54 -7.38 -15.50
CA TYR A 331 1.20 -6.04 -15.50
C TYR A 331 1.68 -5.63 -14.12
N LEU A 332 2.75 -4.82 -14.11
CA LEU A 332 3.30 -4.14 -12.91
C LEU A 332 3.51 -2.67 -13.28
N ALA A 333 2.79 -1.76 -12.65
CA ALA A 333 3.00 -0.31 -12.80
C ALA A 333 4.01 0.13 -11.74
N VAL A 334 4.90 1.06 -12.10
CA VAL A 334 5.94 1.61 -11.19
C VAL A 334 6.03 3.13 -11.39
N ILE A 335 5.97 3.89 -10.30
CA ILE A 335 6.26 5.36 -10.28
C ILE A 335 7.75 5.51 -10.00
N GLU A 336 8.51 6.06 -10.95
CA GLU A 336 9.99 6.20 -10.88
C GLU A 336 10.33 7.68 -11.04
N ASN A 337 11.30 8.22 -10.29
CA ASN A 337 11.60 9.68 -10.32
C ASN A 337 12.79 9.98 -11.25
N GLN A 338 12.61 10.87 -12.21
CA GLN A 338 13.67 11.33 -13.13
C GLN A 338 14.61 12.32 -12.42
N GLY A 339 14.08 13.09 -11.46
CA GLY A 339 14.90 14.01 -10.62
C GLY A 339 15.76 13.24 -9.63
N SER A 340 16.32 13.96 -8.65
CA SER A 340 16.92 13.41 -7.40
C SER A 340 16.23 14.11 -6.23
N MET A 341 16.59 13.75 -4.99
CA MET A 341 16.06 14.40 -3.76
C MET A 341 16.38 15.91 -3.80
N ASP A 342 17.62 16.24 -4.21
CA ASP A 342 18.25 17.58 -4.16
C ASP A 342 17.73 18.46 -5.29
N ALA A 343 16.88 17.92 -6.16
CA ALA A 343 16.27 18.64 -7.31
C ALA A 343 15.12 19.52 -6.82
N LEU A 344 15.15 20.80 -7.21
CA LEU A 344 14.13 21.83 -6.86
C LEU A 344 12.72 21.19 -6.93
N ASN A 345 12.50 20.28 -7.89
CA ASN A 345 11.20 19.63 -8.13
C ASN A 345 11.37 18.12 -8.34
N MET A 346 10.34 17.35 -7.98
CA MET A 346 10.09 15.99 -8.48
C MET A 346 9.92 16.02 -10.00
N ASP A 347 9.99 14.84 -10.61
CA ASP A 347 9.60 14.62 -12.02
C ASP A 347 9.36 13.12 -12.23
N THR A 348 8.33 12.58 -11.59
CA THR A 348 7.98 11.15 -11.67
C THR A 348 7.32 10.82 -13.01
N VAL A 349 7.56 9.60 -13.47
CA VAL A 349 6.83 8.98 -14.60
C VAL A 349 6.21 7.68 -14.08
N CYS A 350 5.22 7.18 -14.81
CA CYS A 350 4.62 5.84 -14.60
C CYS A 350 5.06 4.92 -15.74
N ARG A 351 5.73 3.84 -15.39
CA ARG A 351 6.18 2.80 -16.34
C ARG A 351 5.31 1.58 -16.11
N LEU A 352 4.70 1.05 -17.18
CA LEU A 352 3.93 -0.21 -17.15
C LEU A 352 4.78 -1.28 -17.81
N TYR A 353 5.13 -2.32 -17.06
CA TYR A 353 5.87 -3.52 -17.52
C TYR A 353 4.88 -4.68 -17.60
N GLU A 354 4.98 -5.55 -18.60
CA GLU A 354 4.27 -6.86 -18.58
C GLU A 354 5.23 -7.93 -18.04
N VAL A 355 4.71 -8.91 -17.30
CA VAL A 355 5.48 -9.94 -16.53
C VAL A 355 5.25 -11.39 -16.97
N GLY A 356 4.22 -11.76 -17.76
CA GLY A 356 3.22 -10.88 -18.36
C GLY A 356 2.34 -11.64 -19.35
C1 VM3 B . 3.55 5.00 2.78
C2 VM3 B . 4.03 5.87 1.61
C3 VM3 B . 4.41 3.81 3.19
C11 VM3 B . 3.50 4.11 -0.07
C12 VM3 B . 5.01 7.99 0.81
C13 VM3 B . 6.64 2.84 3.30
C14 VM3 B . 4.72 1.64 4.19
C15 VM3 B . 4.81 7.55 -0.51
C17 VM3 B . 3.44 4.33 -1.61
C18 VM3 B . 5.51 9.26 1.09
C19 VM3 B . 6.10 1.73 3.93
C20 VM3 B . 5.15 8.37 -1.59
C21 VM3 B . 5.84 10.09 0.00
C23 VM3 B . 5.67 9.65 -1.33
C4 VM3 B . 2.76 5.81 3.83
C5 VM3 B . 2.03 4.76 2.97
N6 VM3 B . 3.94 5.42 0.36
C7 VM3 B . 4.56 7.06 1.91
C8 VM3 B . 5.80 3.88 2.93
C9 VM3 B . 3.88 2.69 3.83
C10 VM3 B . 4.23 6.15 -0.68
N16 VM3 B . 3.99 5.66 -1.83
CL22 VM3 B . 7.12 0.39 4.41
C1 VM3 C . -15.72 9.75 -11.73
C2 VM3 C . -15.49 9.09 -13.08
C3 VM3 C . -14.39 10.29 -11.18
C11 VM3 C . -15.71 11.27 -14.29
C12 VM3 C . -15.05 7.09 -14.48
C13 VM3 C . -12.18 9.66 -10.38
C14 VM3 C . -12.79 12.02 -10.56
C15 VM3 C . -14.80 7.94 -15.57
C17 VM3 C . -14.83 11.60 -15.55
C18 VM3 C . -14.97 5.70 -14.61
C19 VM3 C . -11.86 11.02 -10.23
C20 VM3 C . -14.51 7.40 -16.83
C21 VM3 C . -14.66 5.15 -15.87
C23 VM3 C . -14.43 6.00 -16.98
C4 VM3 C . -17.09 10.39 -11.40
C5 VM3 C . -16.64 9.09 -10.68
N6 VM3 C . -15.37 9.86 -14.17
C7 VM3 C . -15.35 7.75 -13.15
C8 VM3 C . -13.44 9.30 -10.87
C9 VM3 C . -14.06 11.66 -11.05
C10 VM3 C . -14.91 9.43 -15.31
N16 VM3 C . -14.58 10.31 -16.16
CL22 VM3 C . -10.26 11.41 -9.63
#